data_4AS9
#
_entry.id   4AS9
#
_cell.length_a   74.560
_cell.length_b   74.560
_cell.length_c   110.980
_cell.angle_alpha   90.00
_cell.angle_beta   90.00
_cell.angle_gamma   90.00
#
_symmetry.space_group_name_H-M   'P 43 2 2'
#
loop_
_entity.id
_entity.type
_entity.pdbx_description
1 polymer 'ATP-DEPENDENT MOLECULAR CHAPERONE HSP82'
2 non-polymer '[(3R,5S,6R,7R,10R,11S,12E)-5,11,21-trimethoxy-3,7,9,15,19-pentamethyl-6-oxidanyl-16,20,22-tris(oxidanylidene)-17-azabicyclo[16.3.1]docosa-1(21),8,12,14,18-pentaen-10-yl] carbamate'
3 water water
#
_entity_poly.entity_id   1
_entity_poly.type   'polypeptide(L)'
_entity_poly.pdbx_seq_one_letter_code
;MASETFEFQAEITQLMSLIINTVYSNKEIFLRELISNASDALDKIRYKSLSDPKQLETEPDLFIRITPKPEQKVLEIRDS
GIGMTKAELINNLGTIAKSGTKAFMEALSAGADVSMIGQFGVGFYSLFLVADRVQVISKSNDDEQYIWESNAGGSFTVTL
DEVNERIGRGTILRLFLKDDQLEYLEEKRIKEVIKRHSEFVAYPIQLVVTKEVEKEVPIP
;
_entity_poly.pdbx_strand_id   A
#
loop_
_chem_comp.id
_chem_comp.type
_chem_comp.name
_chem_comp.formula
4QS non-polymer '[(3R,5S,6R,7R,10R,11S,12E)-5,11,21-trimethoxy-3,7,9,15,19-pentamethyl-6-oxidanyl-16,20,22-tris(oxidanylidene)-17-azabicyclo[16.3.1]docosa-1(21),8,12,14,18-pentaen-10-yl] carbamate' 'C30 H42 N2 O9'
#
# COMPACT_ATOMS: atom_id res chain seq x y z
N ALA A 2 22.21 9.28 -3.86
CA ALA A 2 20.74 9.26 -3.70
C ALA A 2 20.18 7.82 -3.62
N SER A 3 20.29 7.07 -4.73
CA SER A 3 19.28 6.05 -5.05
C SER A 3 19.73 4.61 -5.39
N GLU A 4 19.62 3.72 -4.40
CA GLU A 4 19.96 2.28 -4.57
C GLU A 4 18.91 1.40 -5.29
N THR A 5 19.39 0.38 -6.02
CA THR A 5 18.51 -0.58 -6.70
C THR A 5 18.68 -2.00 -6.17
N PHE A 6 17.56 -2.72 -6.06
CA PHE A 6 17.49 -4.06 -5.49
C PHE A 6 16.70 -4.99 -6.37
N GLU A 7 16.94 -6.27 -6.19
CA GLU A 7 16.41 -7.34 -7.02
C GLU A 7 15.18 -7.92 -6.33
N PHE A 8 14.10 -8.14 -7.07
CA PHE A 8 12.95 -8.87 -6.49
C PHE A 8 13.29 -10.37 -6.45
N GLN A 9 13.06 -11.02 -5.31
CA GLN A 9 13.12 -12.45 -5.31
C GLN A 9 12.23 -12.99 -6.47
N ALA A 10 12.64 -14.11 -7.07
CA ALA A 10 12.12 -14.54 -8.39
C ALA A 10 10.61 -14.75 -8.46
N GLU A 11 10.03 -15.43 -7.48
CA GLU A 11 8.59 -15.67 -7.47
C GLU A 11 7.77 -14.41 -7.25
N ILE A 12 8.31 -13.45 -6.51
CA ILE A 12 7.68 -12.15 -6.36
C ILE A 12 7.53 -11.44 -7.72
N THR A 13 8.59 -11.42 -8.53
CA THR A 13 8.51 -10.95 -9.91
C THR A 13 7.40 -11.67 -10.65
N GLN A 14 7.44 -12.99 -10.52
CA GLN A 14 6.54 -13.83 -11.24
C GLN A 14 5.09 -13.51 -10.88
N LEU A 15 4.82 -13.40 -9.58
CA LEU A 15 3.49 -13.07 -9.08
C LEU A 15 3.08 -11.69 -9.54
N MET A 16 3.95 -10.69 -9.40
CA MET A 16 3.59 -9.36 -9.88
C MET A 16 3.20 -9.41 -11.35
N SER A 17 3.97 -10.14 -12.12
CA SER A 17 3.74 -10.27 -13.53
C SER A 17 2.36 -10.92 -13.76
N LEU A 18 2.07 -11.97 -13.00
CA LEU A 18 0.76 -12.61 -13.04
C LEU A 18 -0.37 -11.60 -12.79
N ILE A 19 -0.33 -10.94 -11.64
CA ILE A 19 -1.37 -9.99 -11.25
C ILE A 19 -1.57 -8.88 -12.26
N ILE A 20 -0.49 -8.15 -12.58
CA ILE A 20 -0.54 -6.98 -13.47
C ILE A 20 -1.14 -7.34 -14.84
N ASN A 21 -0.98 -8.61 -15.23
CA ASN A 21 -1.48 -9.12 -16.51
C ASN A 21 -2.82 -9.81 -16.48
N THR A 22 -3.55 -9.76 -15.36
CA THR A 22 -4.79 -10.54 -15.26
C THR A 22 -6.09 -9.78 -15.58
N VAL A 23 -7.02 -10.48 -16.22
CA VAL A 23 -8.27 -9.86 -16.68
C VAL A 23 -9.34 -9.74 -15.59
N TYR A 24 -9.18 -10.49 -14.49
CA TYR A 24 -10.04 -10.43 -13.29
C TYR A 24 -11.07 -9.29 -13.20
N SER A 25 -12.29 -9.63 -12.79
CA SER A 25 -13.41 -8.71 -12.86
C SER A 25 -13.75 -7.98 -11.54
N ASN A 26 -12.97 -8.22 -10.48
CA ASN A 26 -13.21 -7.63 -9.15
C ASN A 26 -11.92 -6.99 -8.60
N LYS A 27 -11.37 -6.02 -9.33
CA LYS A 27 -10.09 -5.39 -9.01
C LYS A 27 -10.20 -4.44 -7.82
N GLU A 28 -11.44 -4.06 -7.53
CA GLU A 28 -11.73 -3.16 -6.43
C GLU A 28 -11.14 -3.66 -5.11
N ILE A 29 -10.89 -4.96 -5.02
CA ILE A 29 -10.36 -5.56 -3.79
C ILE A 29 -8.97 -5.00 -3.45
N PHE A 30 -8.31 -4.40 -4.41
CA PHE A 30 -7.01 -3.84 -4.07
C PHE A 30 -7.16 -2.82 -2.90
N LEU A 31 -8.29 -2.11 -2.86
CA LEU A 31 -8.47 -1.08 -1.84
C LEU A 31 -8.74 -1.71 -0.49
N ARG A 32 -9.49 -2.82 -0.48
CA ARG A 32 -9.72 -3.56 0.75
C ARG A 32 -8.36 -3.91 1.38
N GLU A 33 -7.44 -4.39 0.55
CA GLU A 33 -6.14 -4.85 1.00
C GLU A 33 -5.32 -3.73 1.57
N LEU A 34 -5.37 -2.55 0.94
CA LEU A 34 -4.44 -1.47 1.32
C LEU A 34 -4.90 -0.79 2.57
N ILE A 35 -6.22 -0.79 2.74
CA ILE A 35 -6.86 -0.27 3.90
C ILE A 35 -6.58 -1.22 5.03
N SER A 36 -6.67 -2.52 4.75
CA SER A 36 -6.45 -3.48 5.81
C SER A 36 -4.97 -3.54 6.21
N ASN A 37 -4.06 -3.26 5.28
CA ASN A 37 -2.66 -3.13 5.66
C ASN A 37 -2.43 -1.94 6.57
N ALA A 38 -3.20 -0.87 6.31
CA ALA A 38 -3.07 0.37 7.03
C ALA A 38 -3.50 0.14 8.47
N SER A 39 -4.63 -0.51 8.59
CA SER A 39 -5.14 -0.94 9.85
C SER A 39 -4.12 -1.82 10.58
N ASP A 40 -3.45 -2.76 9.88
CA ASP A 40 -2.47 -3.64 10.54
C ASP A 40 -1.33 -2.76 11.09
N ALA A 41 -1.04 -1.66 10.42
CA ALA A 41 0.09 -0.82 10.84
C ALA A 41 -0.28 0.20 11.92
N LEU A 42 -1.55 0.57 11.95
CA LEU A 42 -2.04 1.37 13.04
C LEU A 42 -2.06 0.52 14.31
N ASP A 43 -2.69 -0.66 14.25
CA ASP A 43 -2.62 -1.67 15.32
C ASP A 43 -1.24 -1.80 15.91
N LYS A 44 -0.25 -2.04 15.05
CA LYS A 44 1.11 -2.27 15.48
C LYS A 44 1.69 -1.07 16.27
N ILE A 45 1.55 0.17 15.81
CA ILE A 45 2.10 1.30 16.59
C ILE A 45 1.32 1.57 17.89
N ARG A 46 0.01 1.36 17.84
CA ARG A 46 -0.88 1.62 18.96
C ARG A 46 -0.49 0.66 20.08
N TYR A 47 -0.19 -0.57 19.68
CA TYR A 47 0.19 -1.63 20.60
C TYR A 47 1.55 -1.35 21.22
N LYS A 48 2.52 -0.99 20.37
CA LYS A 48 3.89 -0.62 20.76
C LYS A 48 3.89 0.47 21.84
N SER A 49 3.00 1.44 21.71
CA SER A 49 2.99 2.60 22.60
C SER A 49 2.32 2.29 23.92
N LEU A 50 1.77 1.09 24.08
CA LEU A 50 1.22 0.66 25.38
C LEU A 50 2.35 0.63 26.41
N SER A 51 3.53 0.24 25.94
CA SER A 51 4.70 0.09 26.80
CA SER A 51 4.69 0.10 26.80
C SER A 51 5.71 1.20 26.49
N ASP A 52 5.29 2.19 25.72
CA ASP A 52 6.19 3.24 25.22
C ASP A 52 5.35 4.37 24.60
N PRO A 53 4.57 5.09 25.43
CA PRO A 53 3.66 6.17 24.97
C PRO A 53 4.32 7.27 24.14
N LYS A 54 5.63 7.44 24.23
CA LYS A 54 6.25 8.55 23.53
C LYS A 54 6.40 8.23 22.02
N GLN A 55 6.06 7.00 21.67
CA GLN A 55 6.10 6.56 20.28
C GLN A 55 5.03 7.21 19.42
N LEU A 56 3.88 7.53 20.03
CA LEU A 56 2.76 8.24 19.39
C LEU A 56 3.02 9.72 19.14
N GLU A 57 4.09 10.27 19.72
CA GLU A 57 4.29 11.73 19.77
C GLU A 57 4.58 12.34 18.41
N THR A 58 5.44 11.68 17.63
CA THR A 58 5.72 12.06 16.24
C THR A 58 4.42 12.27 15.41
N GLU A 59 3.33 11.63 15.79
CA GLU A 59 2.06 11.79 15.11
C GLU A 59 0.92 11.30 16.01
N PRO A 60 0.33 12.20 16.80
CA PRO A 60 -0.67 11.78 17.74
C PRO A 60 -1.95 11.16 17.11
N ASP A 61 -2.38 11.62 15.92
CA ASP A 61 -3.67 11.16 15.36
C ASP A 61 -3.51 9.84 14.66
N LEU A 62 -4.45 8.92 14.88
CA LEU A 62 -4.42 7.61 14.23
C LEU A 62 -5.57 7.51 13.23
N PHE A 63 -5.19 7.44 11.95
CA PHE A 63 -6.13 7.62 10.85
C PHE A 63 -5.65 6.90 9.59
N ILE A 64 -6.60 6.72 8.66
CA ILE A 64 -6.30 6.36 7.28
C ILE A 64 -6.89 7.41 6.35
N ARG A 65 -6.15 7.84 5.33
CA ARG A 65 -6.54 8.98 4.49
C ARG A 65 -6.38 8.70 3.01
N ILE A 66 -7.48 8.71 2.27
CA ILE A 66 -7.41 8.51 0.84
C ILE A 66 -7.45 9.85 0.09
N THR A 67 -6.51 10.03 -0.85
CA THR A 67 -6.38 11.29 -1.61
C THR A 67 -6.27 10.97 -3.10
N PRO A 68 -7.38 11.15 -3.82
CA PRO A 68 -7.35 11.09 -5.28
C PRO A 68 -6.64 12.32 -5.82
N LYS A 69 -5.75 12.15 -6.81
CA LYS A 69 -5.09 13.27 -7.46
C LYS A 69 -5.39 13.16 -8.95
N PRO A 70 -6.63 13.59 -9.36
CA PRO A 70 -7.10 13.25 -10.73
C PRO A 70 -6.10 13.73 -11.79
N GLU A 71 -5.59 14.96 -11.60
CA GLU A 71 -4.66 15.65 -12.50
C GLU A 71 -3.38 14.87 -12.73
N GLN A 72 -3.13 13.85 -11.93
CA GLN A 72 -1.84 13.17 -12.00
C GLN A 72 -2.01 11.69 -12.27
N LYS A 73 -3.28 11.29 -12.48
CA LYS A 73 -3.70 9.87 -12.57
C LYS A 73 -3.12 9.05 -11.40
N VAL A 74 -3.30 9.56 -10.18
CA VAL A 74 -2.69 9.00 -8.94
C VAL A 74 -3.66 8.90 -7.77
N LEU A 75 -3.62 7.77 -7.03
CA LEU A 75 -4.37 7.67 -5.78
C LEU A 75 -3.44 7.33 -4.60
N GLU A 76 -3.60 8.07 -3.52
CA GLU A 76 -2.75 7.92 -2.37
C GLU A 76 -3.51 7.39 -1.15
N ILE A 77 -2.98 6.35 -0.52
CA ILE A 77 -3.54 5.83 0.73
C ILE A 77 -2.55 6.13 1.86
N ARG A 78 -2.90 7.07 2.73
CA ARG A 78 -2.06 7.41 3.88
C ARG A 78 -2.46 6.75 5.20
N ASP A 79 -1.49 6.43 6.04
CA ASP A 79 -1.75 5.95 7.40
C ASP A 79 -0.71 6.50 8.34
N SER A 80 -1.12 6.73 9.58
CA SER A 80 -0.18 7.13 10.63
C SER A 80 0.24 5.89 11.47
N GLY A 81 0.48 4.78 10.79
CA GLY A 81 0.89 3.57 11.46
C GLY A 81 2.38 3.57 11.74
N ILE A 82 2.90 2.40 12.07
CA ILE A 82 4.29 2.24 12.52
C ILE A 82 5.33 2.70 11.48
N GLY A 83 5.00 2.59 10.20
CA GLY A 83 5.97 2.88 9.13
C GLY A 83 7.08 1.85 9.02
N MET A 84 8.01 2.10 8.11
CA MET A 84 9.04 1.13 7.81
C MET A 84 10.40 1.80 7.68
N THR A 85 11.45 1.11 8.06
CA THR A 85 12.75 1.71 7.94
C THR A 85 13.33 1.39 6.54
N LYS A 86 14.46 2.00 6.19
CA LYS A 86 15.13 1.63 4.96
C LYS A 86 15.32 0.10 4.87
N ALA A 87 15.77 -0.53 5.96
CA ALA A 87 16.07 -1.98 5.92
C ALA A 87 14.81 -2.86 5.83
N GLU A 88 13.70 -2.38 6.40
CA GLU A 88 12.41 -3.09 6.32
C GLU A 88 11.80 -2.91 4.95
N LEU A 89 11.97 -1.75 4.32
CA LEU A 89 11.50 -1.64 2.95
C LEU A 89 12.23 -2.69 2.12
N ILE A 90 13.55 -2.76 2.30
CA ILE A 90 14.39 -3.59 1.44
C ILE A 90 14.08 -5.06 1.63
N ASN A 91 14.03 -5.49 2.90
CA ASN A 91 13.81 -6.89 3.21
C ASN A 91 12.39 -7.32 2.89
N ASN A 92 11.42 -6.59 3.43
CA ASN A 92 10.01 -7.01 3.41
C ASN A 92 9.27 -6.71 2.16
N LEU A 93 9.78 -5.81 1.33
CA LEU A 93 9.13 -5.51 0.08
C LEU A 93 9.93 -5.96 -1.13
N GLY A 94 10.33 -7.22 -1.16
CA GLY A 94 10.83 -7.77 -2.40
C GLY A 94 12.06 -8.66 -2.39
N THR A 95 13.08 -8.28 -1.63
CA THR A 95 14.35 -9.00 -1.77
C THR A 95 14.34 -10.44 -1.20
N ILE A 96 13.58 -10.66 -0.11
CA ILE A 96 13.46 -11.97 0.53
C ILE A 96 12.20 -12.74 0.05
N ALA A 97 12.35 -14.06 -0.12
CA ALA A 97 11.24 -14.95 -0.52
C ALA A 97 10.08 -14.93 0.48
N LYS A 98 8.84 -14.71 0.00
CA LYS A 98 7.64 -14.69 0.87
C LYS A 98 6.95 -16.03 0.98
N SER A 99 6.61 -16.37 2.20
CA SER A 99 5.95 -17.65 2.55
C SER A 99 4.70 -18.04 1.75
N GLY A 100 4.03 -17.09 1.10
CA GLY A 100 2.79 -17.44 0.38
C GLY A 100 2.81 -17.34 -1.14
N THR A 101 3.86 -16.73 -1.69
CA THR A 101 3.91 -16.39 -3.12
C THR A 101 3.60 -17.55 -4.08
N LYS A 102 4.40 -18.62 -3.99
CA LYS A 102 4.23 -19.80 -4.83
C LYS A 102 2.87 -20.48 -4.54
N ALA A 103 2.53 -20.64 -3.26
CA ALA A 103 1.28 -21.29 -2.88
C ALA A 103 0.06 -20.59 -3.47
N PHE A 104 0.12 -19.25 -3.52
CA PHE A 104 -1.00 -18.43 -4.04
C PHE A 104 -1.08 -18.55 -5.54
N MET A 105 0.07 -18.61 -6.19
CA MET A 105 0.08 -18.67 -7.62
C MET A 105 -0.43 -20.04 -8.03
N GLU A 106 -0.12 -21.04 -7.22
CA GLU A 106 -0.63 -22.39 -7.48
C GLU A 106 -2.13 -22.46 -7.29
N ALA A 107 -2.63 -21.76 -6.25
CA ALA A 107 -4.07 -21.63 -5.99
C ALA A 107 -4.77 -20.93 -7.15
N LEU A 108 -4.16 -19.85 -7.63
CA LEU A 108 -4.70 -19.04 -8.74
C LEU A 108 -4.86 -19.88 -10.00
N SER A 109 -3.84 -20.61 -10.38
CA SER A 109 -3.94 -21.30 -11.63
C SER A 109 -4.88 -22.52 -11.51
N ALA A 110 -5.21 -22.89 -10.26
CA ALA A 110 -6.15 -23.98 -9.95
C ALA A 110 -7.61 -23.50 -9.88
N GLY A 111 -7.86 -22.18 -10.02
CA GLY A 111 -9.24 -21.67 -10.03
C GLY A 111 -9.61 -20.56 -9.02
N ALA A 112 -8.73 -20.32 -8.05
CA ALA A 112 -9.04 -19.49 -6.87
C ALA A 112 -9.30 -18.04 -7.23
N ASP A 113 -10.17 -17.39 -6.47
CA ASP A 113 -10.42 -15.99 -6.70
C ASP A 113 -9.24 -15.11 -6.19
N VAL A 114 -8.81 -14.15 -7.00
CA VAL A 114 -7.77 -13.18 -6.59
C VAL A 114 -8.10 -12.60 -5.19
N SER A 115 -9.39 -12.40 -4.94
CA SER A 115 -9.83 -11.95 -3.63
C SER A 115 -9.06 -12.64 -2.49
N MET A 116 -8.66 -13.89 -2.68
CA MET A 116 -7.97 -14.67 -1.65
C MET A 116 -6.51 -14.25 -1.37
N ILE A 117 -5.98 -13.31 -2.15
CA ILE A 117 -4.58 -12.91 -2.04
C ILE A 117 -4.17 -12.62 -0.60
N GLY A 118 -5.06 -11.92 0.12
CA GLY A 118 -4.79 -11.40 1.45
C GLY A 118 -4.58 -12.52 2.45
N GLN A 119 -5.29 -13.63 2.25
CA GLN A 119 -5.13 -14.82 3.05
C GLN A 119 -3.82 -15.57 2.84
N PHE A 120 -3.11 -15.27 1.75
CA PHE A 120 -1.75 -15.80 1.56
C PHE A 120 -0.69 -14.82 2.01
N GLY A 121 -1.14 -13.72 2.62
CA GLY A 121 -0.23 -12.72 3.17
C GLY A 121 0.63 -12.02 2.12
N VAL A 122 0.10 -11.89 0.91
CA VAL A 122 0.80 -11.21 -0.18
C VAL A 122 -0.11 -10.19 -0.88
N GLY A 123 -1.14 -9.76 -0.17
CA GLY A 123 -2.11 -8.80 -0.69
C GLY A 123 -1.58 -7.40 -0.99
N PHE A 124 -0.39 -7.05 -0.53
CA PHE A 124 0.18 -5.78 -0.94
C PHE A 124 0.31 -5.81 -2.45
N TYR A 125 0.66 -6.96 -3.04
CA TYR A 125 0.92 -6.97 -4.49
C TYR A 125 -0.34 -6.82 -5.38
N SER A 126 -1.52 -6.91 -4.75
CA SER A 126 -2.82 -6.72 -5.42
C SER A 126 -3.01 -5.35 -6.04
N LEU A 127 -2.17 -4.38 -5.67
CA LEU A 127 -2.29 -3.00 -6.12
C LEU A 127 -2.03 -2.94 -7.61
N PHE A 128 -1.17 -3.87 -8.09
CA PHE A 128 -0.89 -4.00 -9.52
C PHE A 128 -2.10 -4.39 -10.41
N LEU A 129 -3.18 -4.84 -9.78
CA LEU A 129 -4.44 -4.98 -10.50
C LEU A 129 -4.86 -3.68 -11.17
N VAL A 130 -4.51 -2.53 -10.55
CA VAL A 130 -5.01 -1.21 -10.99
C VAL A 130 -3.94 -0.16 -11.23
N ALA A 131 -2.68 -0.49 -10.92
CA ALA A 131 -1.54 0.46 -11.03
C ALA A 131 -0.34 -0.18 -11.72
N ASP A 132 0.39 0.60 -12.53
CA ASP A 132 1.63 0.10 -13.13
C ASP A 132 2.89 0.74 -12.57
N ARG A 133 2.75 1.59 -11.56
CA ARG A 133 3.84 2.14 -10.79
C ARG A 133 3.35 2.33 -9.36
N VAL A 134 4.19 1.99 -8.39
CA VAL A 134 3.94 2.31 -6.99
C VAL A 134 5.11 3.06 -6.36
N GLN A 135 4.77 4.05 -5.54
CA GLN A 135 5.71 4.54 -4.57
C GLN A 135 5.18 4.23 -3.18
N VAL A 136 6.07 3.65 -2.36
CA VAL A 136 5.81 3.49 -0.94
C VAL A 136 6.70 4.50 -0.26
N ILE A 137 6.12 5.55 0.29
CA ILE A 137 6.88 6.52 1.03
C ILE A 137 6.54 6.28 2.52
N SER A 138 7.58 6.23 3.35
CA SER A 138 7.40 5.76 4.72
C SER A 138 8.37 6.43 5.68
N LYS A 139 7.88 6.68 6.88
CA LYS A 139 8.67 7.30 7.91
C LYS A 139 8.38 6.50 9.17
N SER A 140 9.42 5.80 9.63
CA SER A 140 9.35 5.09 10.90
C SER A 140 10.03 5.95 11.93
N ASN A 141 9.55 5.90 13.16
CA ASN A 141 10.20 6.58 14.29
C ASN A 141 11.72 6.29 14.39
N ASP A 142 12.16 5.21 13.77
CA ASP A 142 13.57 4.76 13.88
C ASP A 142 14.45 5.04 12.67
N ASP A 143 14.00 5.92 11.76
CA ASP A 143 14.74 6.16 10.52
C ASP A 143 14.24 7.40 9.85
N GLU A 144 15.02 7.84 8.89
CA GLU A 144 14.63 8.88 7.96
C GLU A 144 13.54 8.36 6.99
N GLN A 145 12.84 9.29 6.34
CA GLN A 145 11.76 9.02 5.40
C GLN A 145 12.35 8.49 4.09
N TYR A 146 11.88 7.34 3.61
CA TYR A 146 12.35 6.73 2.33
C TYR A 146 11.23 6.42 1.31
N ILE A 147 11.64 6.31 0.04
CA ILE A 147 10.74 6.06 -1.07
C ILE A 147 11.17 4.77 -1.70
N TRP A 148 10.23 3.84 -1.77
CA TRP A 148 10.44 2.58 -2.40
C TRP A 148 9.62 2.67 -3.67
N GLU A 149 10.22 2.37 -4.83
CA GLU A 149 9.51 2.40 -6.13
C GLU A 149 9.63 1.10 -6.94
N SER A 150 8.52 0.74 -7.60
CA SER A 150 8.45 -0.42 -8.45
C SER A 150 7.53 -0.15 -9.61
N ASN A 151 7.86 -0.78 -10.74
CA ASN A 151 7.03 -0.74 -11.98
C ASN A 151 6.67 -2.15 -12.41
N ALA A 152 6.76 -3.11 -11.49
CA ALA A 152 6.45 -4.55 -11.65
C ALA A 152 7.58 -5.34 -12.32
N GLY A 153 8.66 -4.64 -12.67
CA GLY A 153 9.83 -5.22 -13.34
C GLY A 153 10.55 -6.22 -12.44
N GLY A 154 11.80 -6.52 -12.76
CA GLY A 154 12.59 -7.44 -11.90
C GLY A 154 13.23 -6.79 -10.69
N SER A 155 13.13 -5.46 -10.59
CA SER A 155 13.84 -4.74 -9.55
C SER A 155 13.05 -3.53 -9.05
N PHE A 156 13.50 -3.01 -7.89
CA PHE A 156 12.91 -1.82 -7.28
C PHE A 156 13.99 -0.90 -6.79
N THR A 157 13.62 0.32 -6.45
CA THR A 157 14.61 1.30 -6.00
C THR A 157 14.23 1.78 -4.62
N VAL A 158 15.20 2.24 -3.84
CA VAL A 158 14.89 2.77 -2.52
C VAL A 158 15.73 4.00 -2.41
N THR A 159 15.11 5.16 -2.17
CA THR A 159 15.82 6.43 -2.21
C THR A 159 15.46 7.22 -0.99
N LEU A 160 16.45 7.91 -0.40
CA LEU A 160 16.21 8.86 0.68
C LEU A 160 15.21 9.91 0.16
N ASP A 161 14.21 10.26 0.97
CA ASP A 161 13.16 11.16 0.47
C ASP A 161 13.50 12.65 0.65
N GLU A 162 14.01 13.30 -0.39
CA GLU A 162 14.17 14.75 -0.30
C GLU A 162 13.08 15.53 -1.04
N VAL A 163 11.99 14.85 -1.34
CA VAL A 163 11.09 15.27 -2.40
C VAL A 163 9.59 15.42 -2.00
N ASN A 164 9.14 14.67 -0.99
CA ASN A 164 7.74 14.69 -0.59
C ASN A 164 7.52 15.35 0.76
N GLU A 165 6.27 15.72 1.04
CA GLU A 165 5.94 16.28 2.36
C GLU A 165 6.35 15.32 3.45
N ARG A 166 6.54 15.85 4.66
CA ARG A 166 7.05 15.02 5.79
C ARG A 166 5.91 14.32 6.42
N ILE A 167 6.00 13.01 6.43
CA ILE A 167 5.11 12.20 7.21
C ILE A 167 5.67 12.36 8.63
N GLY A 168 4.83 12.75 9.58
CA GLY A 168 5.22 12.74 11.00
C GLY A 168 5.64 11.31 11.30
N ARG A 169 4.74 10.36 10.94
CA ARG A 169 5.02 8.93 11.02
C ARG A 169 4.04 8.14 10.12
N GLY A 170 4.52 7.09 9.46
CA GLY A 170 3.63 6.20 8.78
C GLY A 170 4.01 6.05 7.34
N THR A 171 3.00 5.89 6.49
CA THR A 171 3.23 5.40 5.16
C THR A 171 2.22 5.97 4.20
N ILE A 172 2.68 6.36 3.02
CA ILE A 172 1.78 6.68 1.94
C ILE A 172 2.04 5.66 0.84
N LEU A 173 0.95 5.01 0.38
CA LEU A 173 0.99 4.23 -0.86
C LEU A 173 0.61 5.17 -2.03
N ARG A 174 1.56 5.45 -2.92
CA ARG A 174 1.26 6.30 -4.07
C ARG A 174 1.08 5.43 -5.32
N LEU A 175 -0.18 5.12 -5.65
CA LEU A 175 -0.53 4.36 -6.86
C LEU A 175 -0.69 5.26 -8.09
N PHE A 176 0.05 4.94 -9.14
CA PHE A 176 -0.07 5.58 -10.45
C PHE A 176 -0.99 4.64 -11.19
N LEU A 177 -2.25 5.04 -11.33
CA LEU A 177 -3.28 4.14 -11.90
C LEU A 177 -3.12 3.97 -13.41
N LYS A 178 -3.52 2.79 -13.88
CA LYS A 178 -3.63 2.47 -15.32
C LYS A 178 -4.80 3.25 -15.93
N ASP A 179 -4.70 3.60 -17.21
CA ASP A 179 -5.73 4.40 -17.89
C ASP A 179 -7.13 3.79 -17.90
N ASP A 180 -7.22 2.46 -17.83
CA ASP A 180 -8.51 1.81 -17.80
C ASP A 180 -9.02 1.55 -16.34
N GLN A 181 -8.47 2.30 -15.37
CA GLN A 181 -8.79 2.12 -13.93
C GLN A 181 -8.99 3.44 -13.19
N LEU A 182 -9.14 4.55 -13.91
CA LEU A 182 -9.34 5.89 -13.33
C LEU A 182 -10.68 5.98 -12.58
N GLU A 183 -11.45 4.89 -12.59
CA GLU A 183 -12.69 4.92 -11.83
C GLU A 183 -12.39 5.11 -10.32
N TYR A 184 -11.20 4.71 -9.90
CA TYR A 184 -10.83 4.83 -8.51
C TYR A 184 -10.41 6.26 -8.09
N LEU A 185 -10.57 7.24 -8.99
CA LEU A 185 -10.31 8.65 -8.62
C LEU A 185 -11.53 9.39 -8.08
N GLU A 186 -12.69 8.75 -8.14
CA GLU A 186 -13.96 9.41 -7.90
C GLU A 186 -14.56 9.09 -6.55
N GLU A 187 -15.03 10.13 -5.89
CA GLU A 187 -15.61 10.03 -4.55
C GLU A 187 -16.62 8.88 -4.42
N LYS A 188 -17.64 8.88 -5.26
CA LYS A 188 -18.71 7.86 -5.20
C LYS A 188 -18.15 6.45 -5.20
N ARG A 189 -17.22 6.20 -6.13
CA ARG A 189 -16.59 4.89 -6.35
C ARG A 189 -15.82 4.42 -5.11
N ILE A 190 -14.82 5.22 -4.71
CA ILE A 190 -14.11 5.04 -3.44
C ILE A 190 -15.03 4.72 -2.24
N LYS A 191 -16.03 5.57 -1.98
CA LYS A 191 -17.05 5.34 -0.94
C LYS A 191 -17.74 3.97 -1.02
N GLU A 192 -18.08 3.54 -2.23
CA GLU A 192 -18.76 2.27 -2.45
C GLU A 192 -17.88 1.09 -2.05
N VAL A 193 -16.61 1.16 -2.44
CA VAL A 193 -15.68 0.07 -2.22
C VAL A 193 -15.39 -0.11 -0.73
N ILE A 194 -15.20 1.01 -0.05
CA ILE A 194 -15.09 1.05 1.39
C ILE A 194 -16.34 0.49 2.10
N LYS A 195 -17.54 0.97 1.74
CA LYS A 195 -18.79 0.46 2.28
C LYS A 195 -18.85 -1.08 2.21
N ARG A 196 -18.58 -1.61 1.01
CA ARG A 196 -18.73 -3.04 0.69
C ARG A 196 -17.74 -3.93 1.41
N HIS A 197 -16.48 -3.50 1.43
CA HIS A 197 -15.35 -4.37 1.83
C HIS A 197 -14.68 -3.91 3.12
N SER A 198 -14.96 -2.72 3.60
CA SER A 198 -14.25 -2.24 4.81
C SER A 198 -15.13 -1.70 5.94
N GLU A 199 -16.24 -2.40 6.19
CA GLU A 199 -17.16 -2.07 7.28
C GLU A 199 -16.51 -2.08 8.66
N PHE A 200 -15.66 -3.07 8.93
CA PHE A 200 -15.20 -3.31 10.28
C PHE A 200 -13.76 -2.84 10.43
N VAL A 201 -13.58 -1.52 10.46
CA VAL A 201 -12.25 -0.93 10.59
C VAL A 201 -12.24 -0.02 11.83
N ALA A 202 -11.34 -0.28 12.77
CA ALA A 202 -11.24 0.51 14.01
C ALA A 202 -10.90 2.02 13.88
N TYR A 203 -10.37 2.45 12.72
CA TYR A 203 -9.76 3.77 12.59
C TYR A 203 -10.59 4.64 11.67
N PRO A 204 -10.52 5.97 11.83
CA PRO A 204 -11.26 6.78 10.89
C PRO A 204 -10.65 6.68 9.49
N ILE A 205 -11.49 6.59 8.48
CA ILE A 205 -11.01 6.64 7.12
C ILE A 205 -11.44 7.97 6.50
N GLN A 206 -10.46 8.84 6.27
CA GLN A 206 -10.73 10.16 5.70
C GLN A 206 -10.55 10.16 4.21
N LEU A 207 -11.42 10.88 3.52
CA LEU A 207 -11.34 11.02 2.09
C LEU A 207 -11.08 12.49 1.81
N VAL A 208 -10.01 12.76 1.07
CA VAL A 208 -9.63 14.15 0.79
C VAL A 208 -10.20 14.50 -0.55
N VAL A 209 -11.13 15.45 -0.56
CA VAL A 209 -11.76 15.80 -1.80
C VAL A 209 -11.64 17.30 -2.14
N THR A 210 -11.41 17.56 -3.42
CA THR A 210 -11.10 18.87 -3.94
C THR A 210 -12.25 19.30 -4.83
N LYS A 211 -13.06 20.25 -4.40
CA LYS A 211 -14.04 20.82 -5.30
C LYS A 211 -13.77 22.32 -5.56
N GLU A 212 -13.92 22.71 -6.83
CA GLU A 212 -13.84 24.11 -7.24
C GLU A 212 -14.98 24.91 -6.57
N VAL A 213 -14.65 26.08 -6.00
CA VAL A 213 -15.63 26.93 -5.28
C VAL A 213 -16.71 27.56 -6.21
N GLU A 214 -17.99 27.35 -5.86
CA GLU A 214 -19.16 27.67 -6.74
C GLU A 214 -19.32 29.16 -7.03
N LYS A 215 -18.61 29.70 -7.86
CAB 4QS B . 2.87 -1.37 2.46
OAW 4QS B . 3.42 -2.51 3.20
CBL 4QS B . 2.51 -3.31 3.98
CAQ 4QS B . 3.15 -4.55 4.07
CAO 4QS B . 3.53 -5.24 2.92
CAP 4QS B . 3.94 -6.56 3.07
CBA 4QS B . 3.41 -7.61 2.32
CAD 4QS B . 4.17 -8.13 1.29
CBC 4QS B . 2.08 -7.98 2.43
OAK 4QS B . 1.45 -8.23 1.41
NAU 4QS B . 1.65 -8.74 3.51
CBF 4QS B . 1.85 -8.49 4.86
CBI 4QS B . 3.09 -8.85 5.39
OAM 4QS B . 3.96 -9.32 4.64
CBD 4QS B . 0.82 -7.97 5.68
CAF 4QS B . -0.44 -7.61 5.18
CBH 4QS B . 1.08 -7.79 7.04
OAL 4QS B . 0.21 -7.32 7.79
CBG 4QS B . 2.33 -8.13 7.56
OAV 4QS B . 2.54 -7.94 8.90
CAA 4QS B . 2.25 -9.15 9.64
CBE 4QS B . 3.36 -8.65 6.76
CAS 4QS B . 4.63 -8.96 7.31
CBJ 4QS B . 5.61 -7.72 7.26
CAG 4QS B . 5.84 -7.24 5.83
CAT 4QS B . 5.13 -6.57 8.20
CBM 4QS B . 5.82 -5.19 8.01
OAX 4QS B . 7.26 -5.29 8.24
CAC 4QS B . 8.02 -4.03 8.23
CBN 4QS B . 5.28 -4.13 9.00
OAN 4QS B . 4.98 -4.75 10.31
CBK 4QS B . 4.15 -3.16 8.43
CAH 4QS B . 3.06 -2.98 9.48
CAR 4QS B . 3.63 -3.48 7.13
CBB 4QS B . 2.33 -3.36 6.56
CAE 4QS B . 1.26 -4.00 7.17
CBO 4QS B . 2.04 -2.66 5.38
OAY 4QS B . 2.49 -1.31 5.56
CAZ 4QS B . 1.62 -0.24 5.63
OAJ 4QS B . 1.91 0.72 6.34
NAI 4QS B . 0.48 -0.21 4.92
#